data_7HHL
#
_entry.id   7HHL
#
_cell.length_a   41.528
_cell.length_b   42.243
_cell.length_c   158.675
_cell.angle_alpha   90.00
_cell.angle_beta   90.00
_cell.angle_gamma   90.00
#
_symmetry.space_group_name_H-M   'P 21 21 21'
#
loop_
_entity.id
_entity.type
_entity.pdbx_description
1 polymer 'Hepatoma-derived growth factor-related protein 2'
2 non-polymer 'SULFATE ION'
3 non-polymer 1,2-ETHANEDIOL
4 non-polymer 6-methyl-N-{[(3S)-pyrrolidin-3-yl]methyl}pyridin-2-amine
5 water water
#
_entity_poly.entity_id   1
_entity_poly.type   'polypeptide(L)'
_entity_poly.pdbx_seq_one_letter_code
;GMPHAFKPGDLVFAKMKGYPHWPARIDDIADGAVKPPPNKYPIFFFGTHETAFLGPKDLFPYDKSKDKYGKPNKRKGFNE
GLWEIQNNPHASYS
;
_entity_poly.pdbx_strand_id   A,B,C
#
loop_
_chem_comp.id
_chem_comp.type
_chem_comp.name
_chem_comp.formula
A1A37 non-polymer 6-methyl-N-{[(3S)-pyrrolidin-3-yl]methyl}pyridin-2-amine 'C11 H17 N3'
EDO non-polymer 1,2-ETHANEDIOL 'C2 H6 O2'
SO4 non-polymer 'SULFATE ION' 'O4 S -2'
#
# COMPACT_ATOMS: atom_id res chain seq x y z
N MET A 2 12.28 1.78 -25.41
CA MET A 2 13.45 1.61 -24.51
C MET A 2 13.06 1.96 -23.07
N PRO A 3 13.74 1.35 -22.06
CA PRO A 3 13.53 1.65 -20.63
C PRO A 3 13.71 3.12 -20.19
N HIS A 4 12.87 3.56 -19.25
CA HIS A 4 13.06 4.86 -18.62
C HIS A 4 13.69 4.60 -17.25
N ALA A 5 14.02 5.67 -16.50
CA ALA A 5 14.35 5.50 -15.10
C ALA A 5 13.13 5.00 -14.32
N PHE A 6 13.38 4.42 -13.15
CA PHE A 6 12.29 4.02 -12.26
C PHE A 6 11.46 5.24 -11.85
N LYS A 7 10.13 5.02 -11.71
CA LYS A 7 9.24 6.07 -11.22
C LYS A 7 8.21 5.46 -10.27
N PRO A 8 7.60 6.28 -9.38
CA PRO A 8 6.59 5.79 -8.42
C PRO A 8 5.52 5.05 -9.21
N GLY A 9 5.09 3.90 -8.69
CA GLY A 9 4.05 3.13 -9.35
C GLY A 9 4.61 1.93 -10.14
N ASP A 10 5.88 2.00 -10.52
CA ASP A 10 6.51 0.88 -11.19
C ASP A 10 6.48 -0.39 -10.33
N LEU A 11 6.17 -1.53 -10.95
CA LEU A 11 6.13 -2.79 -10.22
C LEU A 11 7.41 -3.57 -10.48
N VAL A 12 7.91 -4.25 -9.44
CA VAL A 12 9.20 -4.94 -9.49
C VAL A 12 9.19 -6.22 -8.64
N PHE A 13 10.23 -7.04 -8.82
CA PHE A 13 10.68 -7.86 -7.72
C PHE A 13 11.91 -7.17 -7.16
N ALA A 14 11.96 -7.05 -5.80
CA ALA A 14 13.06 -6.33 -5.16
C ALA A 14 13.88 -7.32 -4.33
N LYS A 15 15.22 -7.21 -4.43
CA LYS A 15 16.11 -8.21 -3.84
C LYS A 15 16.79 -7.59 -2.63
N MET A 16 16.64 -8.27 -1.48
CA MET A 16 17.36 -7.92 -0.29
C MET A 16 18.11 -9.14 0.21
N LYS A 17 19.27 -8.90 0.83
CA LYS A 17 20.14 -9.93 1.38
C LYS A 17 19.32 -10.91 2.21
N GLY A 18 19.45 -12.20 1.90
CA GLY A 18 18.85 -13.20 2.76
C GLY A 18 17.38 -13.38 2.46
N TYR A 19 16.87 -12.73 1.41
CA TYR A 19 15.48 -12.98 1.08
C TYR A 19 15.35 -13.27 -0.40
N PRO A 20 14.29 -14.01 -0.81
CA PRO A 20 14.04 -14.27 -2.24
C PRO A 20 13.63 -12.93 -2.86
N HIS A 21 13.84 -12.78 -4.18
CA HIS A 21 13.31 -11.69 -4.97
C HIS A 21 11.82 -11.50 -4.65
N TRP A 22 11.42 -10.28 -4.25
CA TRP A 22 10.14 -10.14 -3.54
C TRP A 22 9.20 -9.20 -4.29
N PRO A 23 7.90 -9.51 -4.49
CA PRO A 23 6.99 -8.59 -5.18
C PRO A 23 6.91 -7.25 -4.44
N ALA A 24 7.08 -6.15 -5.18
CA ALA A 24 7.20 -4.82 -4.59
C ALA A 24 6.81 -3.75 -5.59
N ARG A 25 6.71 -2.51 -5.10
CA ARG A 25 6.49 -1.41 -6.01
C ARG A 25 7.38 -0.24 -5.58
N ILE A 26 7.59 0.69 -6.51
CA ILE A 26 8.24 1.96 -6.18
C ILE A 26 7.16 2.85 -5.58
N ASP A 27 7.35 3.30 -4.32
CA ASP A 27 6.35 4.13 -3.68
C ASP A 27 6.58 5.61 -4.00
N ASP A 28 5.49 6.40 -3.87
CA ASP A 28 5.61 7.83 -3.76
C ASP A 28 6.17 8.19 -2.37
N ILE A 29 6.67 9.40 -2.22
CA ILE A 29 6.98 9.90 -0.87
C ILE A 29 5.88 10.91 -0.52
N ALA A 30 5.17 10.71 0.59
CA ALA A 30 4.10 11.63 0.99
C ALA A 30 4.70 12.99 1.35
N ASP A 31 3.91 14.05 1.12
CA ASP A 31 4.27 15.37 1.63
C ASP A 31 4.64 15.27 3.11
N GLY A 32 5.80 15.80 3.46
CA GLY A 32 6.26 15.92 4.83
C GLY A 32 6.88 14.61 5.36
N ALA A 33 6.96 13.59 4.50
CA ALA A 33 7.48 12.29 4.92
C ALA A 33 8.98 12.20 4.66
N VAL A 34 9.62 11.23 5.32
CA VAL A 34 11.06 11.02 5.20
C VAL A 34 11.43 10.57 3.78
N LYS A 35 12.44 11.25 3.21
CA LYS A 35 12.94 10.98 1.86
C LYS A 35 14.00 9.88 1.91
N PRO A 36 14.22 9.14 0.80
CA PRO A 36 15.27 8.11 0.77
C PRO A 36 16.62 8.79 0.62
N PRO A 37 17.74 8.11 0.92
CA PRO A 37 19.06 8.62 0.55
C PRO A 37 19.10 8.91 -0.95
N PRO A 38 20.08 9.74 -1.41
CA PRO A 38 20.34 9.92 -2.84
C PRO A 38 20.55 8.58 -3.56
N ASN A 39 20.00 8.49 -4.76
CA ASN A 39 20.16 7.33 -5.62
C ASN A 39 19.38 6.12 -5.10
N LYS A 40 18.61 6.27 -3.99
CA LYS A 40 17.77 5.15 -3.55
C LYS A 40 16.30 5.47 -3.83
N TYR A 41 15.47 4.41 -3.90
CA TYR A 41 14.03 4.56 -4.09
C TYR A 41 13.32 3.98 -2.88
N PRO A 42 12.12 4.49 -2.51
CA PRO A 42 11.34 3.84 -1.45
C PRO A 42 10.66 2.62 -2.05
N ILE A 43 10.97 1.43 -1.51
CA ILE A 43 10.36 0.22 -2.03
C ILE A 43 9.31 -0.25 -1.04
N PHE A 44 8.09 -0.47 -1.55
CA PHE A 44 7.06 -1.06 -0.71
C PHE A 44 6.92 -2.52 -1.09
N PHE A 45 7.11 -3.41 -0.09
CA PHE A 45 7.09 -4.86 -0.32
C PHE A 45 5.66 -5.30 -0.08
N PHE A 46 5.05 -5.92 -1.10
CA PHE A 46 3.72 -6.46 -0.95
C PHE A 46 3.74 -7.63 0.06
N GLY A 47 2.60 -7.86 0.70
CA GLY A 47 2.45 -8.96 1.64
C GLY A 47 2.96 -8.57 3.02
N THR A 48 4.25 -8.23 3.16
CA THR A 48 4.75 -7.76 4.45
C THR A 48 4.33 -6.31 4.70
N HIS A 49 4.17 -5.55 3.61
CA HIS A 49 3.85 -4.14 3.69
C HIS A 49 4.98 -3.34 4.34
N GLU A 50 6.22 -3.81 4.25
CA GLU A 50 7.35 -3.06 4.77
C GLU A 50 7.95 -2.17 3.69
N THR A 51 8.66 -1.10 4.10
CA THR A 51 9.39 -0.24 3.18
C THR A 51 10.89 -0.39 3.45
N ALA A 52 11.69 -0.45 2.37
CA ALA A 52 13.12 -0.31 2.47
C ALA A 52 13.58 0.58 1.34
N PHE A 53 14.83 1.07 1.44
CA PHE A 53 15.42 1.93 0.43
C PHE A 53 16.43 1.13 -0.39
N LEU A 54 16.25 1.12 -1.71
CA LEU A 54 17.06 0.27 -2.55
C LEU A 54 17.44 1.04 -3.81
N GLY A 55 18.59 0.65 -4.39
CA GLY A 55 18.99 1.21 -5.67
C GLY A 55 18.62 0.24 -6.81
N PRO A 56 18.68 0.71 -8.08
CA PRO A 56 18.32 -0.10 -9.24
C PRO A 56 18.96 -1.48 -9.37
N LYS A 57 20.16 -1.67 -8.79
CA LYS A 57 20.80 -2.98 -8.92
C LYS A 57 19.94 -4.08 -8.31
N ASP A 58 19.08 -3.73 -7.34
CA ASP A 58 18.27 -4.70 -6.65
C ASP A 58 16.82 -4.70 -7.13
N LEU A 59 16.55 -4.04 -8.27
CA LEU A 59 15.17 -3.85 -8.72
C LEU A 59 14.99 -4.52 -10.10
N PHE A 60 14.14 -5.55 -10.17
CA PHE A 60 13.87 -6.25 -11.43
C PHE A 60 12.44 -5.98 -11.90
N PRO A 61 12.25 -5.38 -13.09
CA PRO A 61 10.88 -5.11 -13.55
C PRO A 61 9.97 -6.34 -13.57
N TYR A 62 8.74 -6.14 -13.12
CA TYR A 62 7.83 -7.23 -12.80
C TYR A 62 7.49 -8.03 -14.05
N ASP A 63 7.15 -7.32 -15.15
CA ASP A 63 6.67 -8.03 -16.34
C ASP A 63 7.76 -8.98 -16.85
N LYS A 64 8.99 -8.47 -17.01
CA LYS A 64 10.12 -9.28 -17.46
C LYS A 64 10.42 -10.46 -16.54
N SER A 65 10.25 -10.30 -15.20
CA SER A 65 10.81 -11.22 -14.20
C SER A 65 9.80 -12.20 -13.59
N LYS A 66 8.50 -12.03 -13.87
CA LYS A 66 7.52 -12.79 -13.10
C LYS A 66 7.59 -14.30 -13.34
N ASP A 67 7.98 -14.70 -14.57
N ASP A 67 7.93 -14.71 -14.58
CA ASP A 67 8.07 -16.10 -14.91
CA ASP A 67 8.05 -16.14 -14.84
C ASP A 67 9.16 -16.79 -14.06
C ASP A 67 9.06 -16.73 -13.85
N LYS A 68 10.17 -16.02 -13.66
CA LYS A 68 11.25 -16.55 -12.86
C LYS A 68 10.95 -16.47 -11.37
N TYR A 69 10.36 -15.35 -10.92
CA TYR A 69 10.39 -15.02 -9.51
C TYR A 69 9.00 -15.09 -8.89
N GLY A 70 7.97 -15.23 -9.72
CA GLY A 70 6.59 -15.13 -9.23
C GLY A 70 5.99 -16.53 -8.97
N LYS A 71 6.62 -17.31 -8.11
CA LYS A 71 6.12 -18.61 -7.72
C LYS A 71 5.98 -18.60 -6.21
N PRO A 72 5.10 -19.43 -5.61
CA PRO A 72 4.93 -19.39 -4.16
C PRO A 72 6.22 -19.72 -3.42
N ASN A 73 6.34 -19.14 -2.22
CA ASN A 73 7.50 -19.24 -1.37
C ASN A 73 6.98 -19.39 0.06
N LYS A 74 7.77 -20.07 0.90
CA LYS A 74 7.40 -20.39 2.27
C LYS A 74 7.35 -19.14 3.14
N ARG A 75 8.12 -18.10 2.76
CA ARG A 75 8.43 -16.98 3.65
C ARG A 75 7.18 -16.18 3.99
N LYS A 76 7.15 -15.64 5.22
CA LYS A 76 6.00 -14.94 5.75
C LYS A 76 5.65 -13.75 4.84
N GLY A 77 4.43 -13.77 4.29
CA GLY A 77 3.90 -12.61 3.59
C GLY A 77 4.05 -12.74 2.07
N PHE A 78 4.86 -13.70 1.64
CA PHE A 78 5.24 -13.80 0.24
C PHE A 78 4.03 -14.05 -0.67
N ASN A 79 3.22 -15.06 -0.36
CA ASN A 79 2.13 -15.45 -1.23
C ASN A 79 1.02 -14.39 -1.20
N GLU A 80 0.83 -13.73 -0.05
CA GLU A 80 -0.06 -12.57 0.00
C GLU A 80 0.50 -11.52 -0.96
N GLY A 81 1.83 -11.34 -0.92
CA GLY A 81 2.49 -10.38 -1.81
C GLY A 81 2.21 -10.67 -3.29
N LEU A 82 2.23 -11.96 -3.65
CA LEU A 82 2.00 -12.35 -5.02
C LEU A 82 0.57 -11.96 -5.42
N TRP A 83 -0.39 -12.13 -4.49
CA TRP A 83 -1.78 -11.80 -4.83
C TRP A 83 -1.88 -10.29 -5.07
N GLU A 84 -1.24 -9.50 -4.20
CA GLU A 84 -1.40 -8.06 -4.26
C GLU A 84 -0.81 -7.51 -5.56
N ILE A 85 0.37 -7.98 -5.93
CA ILE A 85 1.04 -7.41 -7.09
C ILE A 85 0.25 -7.72 -8.36
N GLN A 86 -0.44 -8.88 -8.37
CA GLN A 86 -1.14 -9.32 -9.55
C GLN A 86 -2.52 -8.68 -9.61
N ASN A 87 -3.17 -8.51 -8.43
CA ASN A 87 -4.59 -8.18 -8.33
C ASN A 87 -4.92 -6.73 -7.94
N ASN A 88 -4.13 -6.08 -7.07
CA ASN A 88 -4.37 -4.68 -6.74
C ASN A 88 -3.04 -3.99 -6.37
N PRO A 89 -2.08 -3.89 -7.33
CA PRO A 89 -0.74 -3.39 -7.01
C PRO A 89 -0.72 -1.90 -6.65
N HIS A 90 -1.78 -1.14 -6.98
CA HIS A 90 -1.74 0.30 -6.77
C HIS A 90 -2.64 0.74 -5.60
N ALA A 91 -3.13 -0.23 -4.81
CA ALA A 91 -4.03 0.10 -3.71
C ALA A 91 -3.28 0.68 -2.51
N SER A 92 -4.04 1.33 -1.63
CA SER A 92 -3.53 1.72 -0.33
C SER A 92 -3.47 0.50 0.59
N TYR A 93 -2.28 0.22 1.14
CA TYR A 93 -2.13 -0.92 2.04
C TYR A 93 -1.75 -0.45 3.44
N SER A 94 -1.85 0.85 3.71
CA SER A 94 -1.81 1.36 5.08
C SER A 94 -2.98 0.76 5.87
N MET B 2 -12.95 41.01 12.93
CA MET B 2 -12.39 41.34 14.26
C MET B 2 -10.95 40.85 14.32
N PRO B 3 -9.95 41.73 14.63
CA PRO B 3 -8.54 41.31 14.70
C PRO B 3 -8.34 40.20 15.74
N HIS B 4 -7.41 39.28 15.46
CA HIS B 4 -7.19 38.14 16.34
C HIS B 4 -5.73 38.13 16.79
N ALA B 5 -5.36 37.22 17.70
CA ALA B 5 -3.98 37.17 18.17
C ALA B 5 -3.09 37.02 16.95
N PHE B 6 -3.50 36.11 16.05
CA PHE B 6 -2.84 35.89 14.77
C PHE B 6 -3.65 36.52 13.64
N LYS B 7 -2.97 37.21 12.72
CA LYS B 7 -3.65 37.86 11.61
C LYS B 7 -3.16 37.26 10.29
N PRO B 8 -3.96 37.33 9.20
CA PRO B 8 -3.54 36.83 7.89
C PRO B 8 -2.20 37.45 7.52
N GLY B 9 -1.27 36.59 7.09
CA GLY B 9 0.07 36.98 6.67
C GLY B 9 1.13 36.76 7.75
N ASP B 10 0.70 36.51 8.99
CA ASP B 10 1.65 36.19 10.06
C ASP B 10 2.38 34.90 9.72
N LEU B 11 3.68 34.89 9.98
CA LEU B 11 4.47 33.71 9.67
C LEU B 11 4.70 32.93 10.94
N VAL B 12 4.69 31.60 10.84
CA VAL B 12 4.75 30.75 12.02
C VAL B 12 5.53 29.49 11.66
N PHE B 13 5.83 28.69 12.69
CA PHE B 13 5.97 27.25 12.46
C PHE B 13 4.72 26.61 13.02
N ALA B 14 4.14 25.64 12.25
CA ALA B 14 2.93 24.99 12.65
C ALA B 14 3.20 23.50 12.91
N LYS B 15 2.62 23.01 14.00
CA LYS B 15 2.99 21.68 14.53
C LYS B 15 1.79 20.76 14.42
N MET B 16 2.03 19.60 13.79
CA MET B 16 1.05 18.53 13.76
C MET B 16 1.72 17.23 14.18
N LYS B 17 0.93 16.35 14.82
CA LYS B 17 1.45 15.05 15.22
C LYS B 17 2.05 14.32 14.02
N GLY B 18 3.26 13.77 14.20
CA GLY B 18 3.97 13.02 13.17
C GLY B 18 4.94 13.86 12.34
N TYR B 19 4.92 15.20 12.51
CA TYR B 19 5.78 16.01 11.65
C TYR B 19 6.55 17.04 12.50
N PRO B 20 7.73 17.51 12.07
CA PRO B 20 8.43 18.56 12.81
C PRO B 20 7.69 19.90 12.65
N HIS B 21 7.88 20.84 13.60
CA HIS B 21 7.40 22.22 13.44
C HIS B 21 7.68 22.72 12.03
N TRP B 22 6.63 23.18 11.34
CA TRP B 22 6.73 23.31 9.88
C TRP B 22 6.56 24.77 9.47
N PRO B 23 7.45 25.36 8.62
CA PRO B 23 7.30 26.76 8.20
C PRO B 23 5.94 26.97 7.56
N ALA B 24 5.19 27.98 8.01
CA ALA B 24 3.82 28.12 7.52
C ALA B 24 3.39 29.58 7.65
N ARG B 25 2.15 29.84 7.22
CA ARG B 25 1.57 31.16 7.38
C ARG B 25 0.10 31.03 7.70
N ILE B 26 -0.46 32.06 8.36
CA ILE B 26 -1.89 32.22 8.52
C ILE B 26 -2.40 32.81 7.22
N ASP B 27 -3.44 32.18 6.66
CA ASP B 27 -4.10 32.63 5.44
C ASP B 27 -5.40 33.37 5.79
N ASP B 28 -5.95 34.10 4.81
N ASP B 28 -5.95 34.14 4.85
CA ASP B 28 -7.26 34.71 4.85
CA ASP B 28 -7.29 34.71 5.02
C ASP B 28 -8.31 33.62 4.61
C ASP B 28 -8.31 33.66 4.60
N ILE B 29 -9.59 33.91 4.92
CA ILE B 29 -10.66 32.93 4.71
C ILE B 29 -11.13 32.94 3.23
N VAL B 34 -15.65 27.01 3.32
CA VAL B 34 -15.53 26.49 4.71
C VAL B 34 -14.91 27.58 5.56
N LYS B 35 -15.45 27.80 6.76
CA LYS B 35 -14.81 28.66 7.76
C LYS B 35 -14.13 27.76 8.80
N PRO B 36 -13.00 28.19 9.41
CA PRO B 36 -12.32 27.37 10.42
C PRO B 36 -13.27 26.95 11.54
N PRO B 37 -13.07 25.78 12.20
CA PRO B 37 -13.83 25.45 13.41
C PRO B 37 -13.47 26.54 14.44
N PRO B 38 -14.27 26.75 15.49
CA PRO B 38 -13.97 27.80 16.47
C PRO B 38 -12.55 27.69 17.05
N ASN B 39 -11.90 28.84 17.29
CA ASN B 39 -10.57 28.93 17.91
C ASN B 39 -9.43 28.52 16.96
N LYS B 40 -9.72 28.14 15.71
CA LYS B 40 -8.68 27.65 14.82
C LYS B 40 -8.47 28.60 13.65
N TYR B 41 -7.31 28.48 12.99
CA TYR B 41 -6.94 29.38 11.91
C TYR B 41 -6.65 28.58 10.65
N PRO B 42 -6.87 29.16 9.44
CA PRO B 42 -6.44 28.50 8.21
C PRO B 42 -4.92 28.64 8.11
N ILE B 43 -4.25 27.48 8.03
CA ILE B 43 -2.78 27.43 7.88
C ILE B 43 -2.39 27.02 6.46
N PHE B 44 -1.33 27.62 5.94
CA PHE B 44 -0.75 27.22 4.66
C PHE B 44 0.68 26.75 4.97
N PHE B 45 1.00 25.49 4.65
CA PHE B 45 2.34 24.96 4.85
C PHE B 45 3.20 25.27 3.63
N PHE B 46 4.30 25.99 3.87
CA PHE B 46 5.24 26.26 2.79
C PHE B 46 5.89 24.95 2.34
N GLY B 47 6.37 24.93 1.09
CA GLY B 47 7.11 23.76 0.60
C GLY B 47 6.12 22.76 0.01
N THR B 48 5.25 22.19 0.83
CA THR B 48 4.26 21.25 0.33
C THR B 48 3.03 21.98 -0.20
N HIS B 49 2.75 23.18 0.33
CA HIS B 49 1.56 23.94 -0.07
C HIS B 49 0.28 23.28 0.36
N GLU B 50 0.31 22.49 1.44
CA GLU B 50 -0.92 21.90 1.97
C GLU B 50 -1.61 22.95 2.85
N THR B 51 -2.82 22.62 3.30
CA THR B 51 -3.53 23.49 4.24
C THR B 51 -4.09 22.61 5.37
N ALA B 52 -4.31 23.26 6.52
CA ALA B 52 -5.04 22.65 7.61
C ALA B 52 -5.64 23.76 8.49
N PHE B 53 -6.52 23.34 9.39
CA PHE B 53 -7.02 24.21 10.43
C PHE B 53 -6.28 23.88 11.74
N LEU B 54 -5.64 24.89 12.35
CA LEU B 54 -4.89 24.68 13.59
C LEU B 54 -5.24 25.77 14.61
N GLY B 55 -5.15 25.37 15.89
CA GLY B 55 -5.32 26.25 17.04
C GLY B 55 -3.97 26.83 17.51
N PRO B 56 -3.99 27.90 18.32
CA PRO B 56 -2.77 28.53 18.80
C PRO B 56 -1.74 27.64 19.49
N LYS B 57 -2.20 26.53 20.10
CA LYS B 57 -1.29 25.69 20.87
C LYS B 57 -0.25 25.11 19.92
N ASP B 58 -0.61 25.05 18.63
CA ASP B 58 0.26 24.45 17.63
C ASP B 58 0.90 25.47 16.69
N LEU B 59 0.81 26.77 17.03
CA LEU B 59 1.34 27.85 16.21
C LEU B 59 2.43 28.63 16.93
N PHE B 60 3.63 28.66 16.35
CA PHE B 60 4.79 29.25 16.96
C PHE B 60 5.19 30.45 16.11
N PRO B 61 5.04 31.71 16.59
CA PRO B 61 5.54 32.87 15.82
C PRO B 61 6.94 32.66 15.23
N TYR B 62 7.09 32.96 13.92
CA TYR B 62 8.29 32.60 13.18
C TYR B 62 9.54 33.27 13.71
N ASP B 63 9.47 34.58 14.00
CA ASP B 63 10.66 35.35 14.38
C ASP B 63 11.25 34.77 15.66
N LYS B 64 10.40 34.63 16.68
CA LYS B 64 10.81 34.10 17.96
C LYS B 64 11.41 32.69 17.82
N SER B 65 10.88 31.87 16.91
CA SER B 65 11.14 30.44 17.01
C SER B 65 12.05 29.94 15.90
N LYS B 66 12.51 30.82 15.00
CA LYS B 66 13.15 30.34 13.78
C LYS B 66 14.49 29.67 14.03
N ASP B 67 15.26 30.09 15.03
CA ASP B 67 16.56 29.47 15.13
C ASP B 67 16.44 28.06 15.72
N LYS B 68 15.34 27.82 16.44
CA LYS B 68 15.10 26.54 17.05
C LYS B 68 14.46 25.56 16.05
N TYR B 69 13.50 26.03 15.26
CA TYR B 69 12.73 25.12 14.41
C TYR B 69 13.19 25.18 12.95
N GLY B 70 14.02 26.17 12.60
CA GLY B 70 14.23 26.44 11.18
C GLY B 70 15.53 25.82 10.64
N LYS B 71 15.90 24.64 11.13
CA LYS B 71 17.04 23.93 10.60
C LYS B 71 16.56 22.97 9.51
N PRO B 72 17.31 22.78 8.40
CA PRO B 72 16.96 21.77 7.41
C PRO B 72 16.88 20.36 8.01
N ASN B 73 16.00 19.53 7.41
CA ASN B 73 15.93 18.11 7.68
C ASN B 73 15.65 17.39 6.34
N LYS B 74 15.38 16.09 6.42
CA LYS B 74 15.12 15.28 5.23
C LYS B 74 13.62 15.00 4.99
N ARG B 75 12.70 15.80 5.56
CA ARG B 75 11.30 15.62 5.24
C ARG B 75 11.00 16.29 3.90
N LYS B 76 10.21 15.62 3.05
CA LYS B 76 9.87 16.13 1.74
C LYS B 76 9.11 17.47 1.85
N GLY B 77 9.65 18.49 1.16
CA GLY B 77 9.07 19.82 1.05
C GLY B 77 9.59 20.77 2.12
N PHE B 78 10.36 20.27 3.11
CA PHE B 78 10.78 21.11 4.23
C PHE B 78 11.81 22.16 3.81
N ASN B 79 12.87 21.76 3.11
CA ASN B 79 13.85 22.76 2.70
C ASN B 79 13.23 23.76 1.72
N GLU B 80 12.32 23.30 0.88
CA GLU B 80 11.62 24.22 -0.01
C GLU B 80 10.77 25.19 0.82
N GLY B 81 10.14 24.70 1.89
CA GLY B 81 9.33 25.56 2.77
C GLY B 81 10.20 26.60 3.46
N LEU B 82 11.41 26.21 3.84
CA LEU B 82 12.31 27.15 4.48
C LEU B 82 12.67 28.26 3.49
N TRP B 83 12.90 27.87 2.22
CA TRP B 83 13.16 28.81 1.15
C TRP B 83 12.03 29.84 0.99
N GLU B 84 10.78 29.34 1.01
CA GLU B 84 9.60 30.16 0.71
C GLU B 84 9.33 31.13 1.85
N ILE B 85 9.47 30.68 3.10
CA ILE B 85 9.12 31.55 4.23
C ILE B 85 10.13 32.71 4.33
N GLN B 86 11.36 32.43 3.89
CA GLN B 86 12.49 33.36 3.85
C GLN B 86 12.38 34.33 2.67
N ASN B 87 11.99 33.86 1.48
CA ASN B 87 12.26 34.65 0.28
C ASN B 87 11.00 35.22 -0.36
N ASN B 88 9.85 34.58 -0.10
CA ASN B 88 8.62 35.05 -0.69
C ASN B 88 7.43 34.49 0.08
N PRO B 89 7.34 34.80 1.40
CA PRO B 89 6.27 34.26 2.25
C PRO B 89 4.84 34.60 1.83
N HIS B 90 4.67 35.71 1.07
CA HIS B 90 3.32 36.22 0.83
C HIS B 90 2.83 35.96 -0.60
N ALA B 91 3.58 35.16 -1.36
CA ALA B 91 3.24 34.87 -2.75
C ALA B 91 1.98 34.00 -2.88
N SER B 92 1.38 34.00 -4.08
CA SER B 92 0.44 32.98 -4.50
C SER B 92 1.22 31.72 -4.89
N TYR B 93 0.87 30.59 -4.26
CA TYR B 93 1.46 29.29 -4.57
C TYR B 93 0.41 28.39 -5.23
N SER B 94 -0.74 29.00 -5.57
CA SER B 94 -1.77 28.41 -6.41
C SER B 94 -1.10 27.58 -7.52
N ALA C 5 -24.66 -26.13 -12.09
CA ALA C 5 -24.14 -27.52 -11.93
C ALA C 5 -22.66 -27.59 -12.33
N PHE C 6 -21.95 -28.57 -11.76
CA PHE C 6 -20.50 -28.56 -11.75
C PHE C 6 -19.98 -29.86 -12.37
N LYS C 7 -19.01 -29.75 -13.29
CA LYS C 7 -18.33 -30.90 -13.87
C LYS C 7 -16.92 -30.92 -13.30
N PRO C 8 -16.18 -32.06 -13.34
CA PRO C 8 -14.78 -32.05 -12.92
C PRO C 8 -14.00 -30.93 -13.61
N GLY C 9 -13.03 -30.35 -12.87
CA GLY C 9 -12.16 -29.32 -13.41
C GLY C 9 -12.68 -27.90 -13.17
N ASP C 10 -13.99 -27.74 -12.95
CA ASP C 10 -14.61 -26.46 -12.67
C ASP C 10 -14.01 -25.86 -11.40
N LEU C 11 -13.65 -24.57 -11.49
CA LEU C 11 -12.97 -23.88 -10.41
C LEU C 11 -14.01 -23.17 -9.55
N VAL C 12 -13.85 -23.23 -8.21
CA VAL C 12 -14.90 -22.73 -7.34
C VAL C 12 -14.25 -22.13 -6.08
N PHE C 13 -15.06 -21.44 -5.26
CA PHE C 13 -14.83 -21.31 -3.83
C PHE C 13 -15.76 -22.28 -3.09
N ALA C 14 -15.19 -23.03 -2.14
CA ALA C 14 -15.85 -24.09 -1.40
C ALA C 14 -15.88 -23.72 0.08
N LYS C 15 -17.09 -23.79 0.68
CA LYS C 15 -17.32 -23.37 2.05
C LYS C 15 -17.55 -24.60 2.92
N MET C 16 -16.71 -24.76 3.95
CA MET C 16 -16.96 -25.76 4.98
C MET C 16 -17.07 -25.04 6.33
N LYS C 17 -17.80 -25.65 7.26
CA LYS C 17 -17.91 -25.08 8.59
C LYS C 17 -16.51 -24.99 9.18
N GLY C 18 -16.17 -23.80 9.68
CA GLY C 18 -14.91 -23.66 10.40
C GLY C 18 -13.82 -23.02 9.52
N TYR C 19 -14.18 -22.66 8.27
CA TYR C 19 -13.19 -22.23 7.27
C TYR C 19 -13.78 -21.16 6.37
N PRO C 20 -12.95 -20.18 5.92
CA PRO C 20 -13.43 -19.17 4.98
C PRO C 20 -13.70 -19.86 3.64
N HIS C 21 -14.43 -19.17 2.76
CA HIS C 21 -14.67 -19.67 1.42
C HIS C 21 -13.31 -19.89 0.77
N TRP C 22 -13.06 -21.12 0.28
CA TRP C 22 -11.69 -21.52 -0.03
C TRP C 22 -11.56 -21.82 -1.52
N PRO C 23 -10.47 -21.37 -2.18
CA PRO C 23 -10.28 -21.67 -3.60
C PRO C 23 -10.09 -23.18 -3.80
N ALA C 24 -10.87 -23.74 -4.74
CA ALA C 24 -10.90 -25.18 -4.92
C ALA C 24 -11.28 -25.51 -6.36
N ARG C 25 -11.25 -26.81 -6.70
CA ARG C 25 -11.88 -27.26 -7.94
C ARG C 25 -12.68 -28.54 -7.67
N ILE C 26 -13.61 -28.82 -8.59
CA ILE C 26 -14.32 -30.10 -8.64
C ILE C 26 -13.37 -31.15 -9.19
N ASP C 27 -13.18 -32.24 -8.44
CA ASP C 27 -12.42 -33.38 -8.93
C ASP C 27 -13.34 -34.39 -9.62
N ASP C 28 -12.76 -35.27 -10.44
CA ASP C 28 -13.47 -36.45 -10.90
C ASP C 28 -13.30 -37.53 -9.83
N ILE C 29 -14.24 -38.50 -9.82
CA ILE C 29 -14.22 -39.62 -8.90
C ILE C 29 -13.91 -40.89 -9.70
N ALA C 30 -12.82 -41.59 -9.33
CA ALA C 30 -12.34 -42.78 -10.02
C ALA C 30 -13.42 -43.87 -10.09
N LYS C 35 -17.80 -44.08 -3.29
CA LYS C 35 -18.76 -43.15 -3.94
C LYS C 35 -19.04 -42.00 -2.98
N PRO C 36 -19.28 -40.76 -3.48
CA PRO C 36 -19.62 -39.65 -2.58
C PRO C 36 -20.88 -40.01 -1.78
N PRO C 37 -21.15 -39.30 -0.66
CA PRO C 37 -22.51 -39.27 -0.13
C PRO C 37 -23.43 -38.74 -1.22
N PRO C 38 -24.73 -39.10 -1.17
CA PRO C 38 -25.73 -38.59 -2.12
C PRO C 38 -25.62 -37.08 -2.31
N ASN C 39 -25.56 -36.67 -3.58
CA ASN C 39 -25.58 -35.28 -4.00
C ASN C 39 -24.37 -34.51 -3.48
N LYS C 40 -23.21 -35.17 -3.30
CA LYS C 40 -22.00 -34.44 -2.92
C LYS C 40 -20.95 -34.54 -4.03
N TYR C 41 -20.15 -33.48 -4.22
CA TYR C 41 -19.08 -33.48 -5.21
C TYR C 41 -17.74 -33.69 -4.51
N PRO C 42 -16.75 -34.30 -5.20
CA PRO C 42 -15.39 -34.47 -4.63
C PRO C 42 -14.75 -33.11 -4.90
N ILE C 43 -14.19 -32.51 -3.84
CA ILE C 43 -13.56 -31.21 -3.93
C ILE C 43 -12.08 -31.35 -3.64
N PHE C 44 -11.24 -30.62 -4.40
CA PHE C 44 -9.83 -30.46 -4.06
C PHE C 44 -9.60 -29.00 -3.69
N PHE C 45 -8.95 -28.77 -2.55
CA PHE C 45 -8.68 -27.44 -2.03
C PHE C 45 -7.28 -27.03 -2.49
N PHE C 46 -7.19 -25.88 -3.20
CA PHE C 46 -5.88 -25.32 -3.52
C PHE C 46 -5.14 -24.89 -2.26
N GLY C 47 -3.79 -24.86 -2.36
CA GLY C 47 -2.98 -24.42 -1.24
C GLY C 47 -2.70 -25.56 -0.27
N THR C 48 -3.73 -26.03 0.45
CA THR C 48 -3.55 -27.13 1.40
C THR C 48 -3.52 -28.47 0.66
N HIS C 49 -4.16 -28.53 -0.51
CA HIS C 49 -4.18 -29.74 -1.32
C HIS C 49 -4.98 -30.88 -0.68
N GLU C 50 -5.92 -30.55 0.23
CA GLU C 50 -6.76 -31.56 0.87
C GLU C 50 -8.00 -31.83 0.01
N THR C 51 -8.75 -32.89 0.38
CA THR C 51 -9.98 -33.23 -0.33
C THR C 51 -11.12 -33.36 0.68
N ALA C 52 -12.35 -33.20 0.17
CA ALA C 52 -13.58 -33.35 0.93
C ALA C 52 -14.73 -33.58 -0.04
N PHE C 53 -15.91 -33.89 0.51
CA PHE C 53 -17.16 -33.98 -0.24
C PHE C 53 -18.04 -32.82 0.21
N LEU C 54 -18.52 -32.06 -0.77
CA LEU C 54 -19.39 -30.93 -0.45
C LEU C 54 -20.58 -30.95 -1.40
N GLY C 55 -21.69 -30.38 -0.93
CA GLY C 55 -22.88 -30.23 -1.75
C GLY C 55 -22.92 -28.86 -2.42
N PRO C 56 -23.83 -28.67 -3.41
CA PRO C 56 -23.77 -27.51 -4.29
C PRO C 56 -24.05 -26.20 -3.55
N LYS C 57 -24.75 -26.30 -2.42
CA LYS C 57 -25.03 -25.14 -1.58
C LYS C 57 -23.73 -24.51 -1.08
N ASP C 58 -22.65 -25.30 -1.08
CA ASP C 58 -21.38 -24.92 -0.45
C ASP C 58 -20.36 -24.46 -1.48
N LEU C 59 -20.80 -24.34 -2.74
CA LEU C 59 -19.87 -24.16 -3.85
C LEU C 59 -20.24 -22.90 -4.64
N PHE C 60 -19.20 -22.17 -5.09
CA PHE C 60 -19.35 -20.89 -5.77
C PHE C 60 -18.46 -20.86 -7.02
N PRO C 61 -19.03 -20.66 -8.24
CA PRO C 61 -18.22 -20.58 -9.45
C PRO C 61 -17.16 -19.50 -9.27
N TYR C 62 -15.90 -19.87 -9.54
CA TYR C 62 -14.73 -19.05 -9.27
C TYR C 62 -14.87 -17.67 -9.92
N ASP C 63 -15.20 -17.66 -11.22
CA ASP C 63 -15.25 -16.41 -11.97
C ASP C 63 -16.36 -15.50 -11.45
N LYS C 64 -17.50 -16.07 -11.04
CA LYS C 64 -18.62 -15.26 -10.61
C LYS C 64 -18.38 -14.68 -9.23
N SER C 65 -17.56 -15.36 -8.38
CA SER C 65 -17.50 -14.92 -7.00
C SER C 65 -16.10 -14.49 -6.55
N LYS C 66 -15.10 -14.50 -7.44
CA LYS C 66 -13.76 -14.14 -7.01
C LYS C 66 -13.69 -12.71 -6.48
N ASP C 67 -14.47 -11.79 -7.06
CA ASP C 67 -14.44 -10.39 -6.63
C ASP C 67 -14.74 -10.29 -5.13
N LYS C 68 -15.56 -11.24 -4.63
CA LYS C 68 -15.97 -11.30 -3.23
C LYS C 68 -15.06 -12.22 -2.38
N TYR C 69 -14.70 -13.41 -2.88
CA TYR C 69 -13.98 -14.33 -1.99
C TYR C 69 -12.49 -14.39 -2.33
N GLY C 70 -12.09 -13.89 -3.51
CA GLY C 70 -10.70 -14.03 -3.92
C GLY C 70 -9.89 -12.86 -3.36
N LYS C 71 -9.66 -12.89 -2.05
CA LYS C 71 -8.91 -11.87 -1.34
C LYS C 71 -8.10 -12.59 -0.27
N PRO C 72 -6.87 -12.12 0.07
CA PRO C 72 -6.01 -12.87 0.97
C PRO C 72 -6.63 -13.08 2.35
N ASN C 73 -6.21 -14.14 3.01
CA ASN C 73 -6.41 -14.20 4.45
C ASN C 73 -5.31 -15.04 5.06
N LYS C 74 -5.28 -15.04 6.40
CA LYS C 74 -4.11 -15.51 7.14
C LYS C 74 -4.14 -17.03 7.32
N ARG C 75 -5.28 -17.68 7.01
CA ARG C 75 -5.41 -19.10 7.32
C ARG C 75 -4.37 -19.88 6.51
N LYS C 76 -3.85 -20.94 7.15
CA LYS C 76 -2.76 -21.72 6.59
C LYS C 76 -3.10 -22.22 5.19
N GLY C 77 -2.26 -21.86 4.21
CA GLY C 77 -2.34 -22.48 2.90
C GLY C 77 -3.20 -21.65 1.95
N PHE C 78 -3.86 -20.63 2.50
CA PHE C 78 -4.89 -19.92 1.76
C PHE C 78 -4.30 -19.13 0.59
N ASN C 79 -3.22 -18.40 0.89
CA ASN C 79 -2.68 -17.44 -0.08
C ASN C 79 -1.99 -18.21 -1.20
N GLU C 80 -1.35 -19.31 -0.84
CA GLU C 80 -0.80 -20.17 -1.88
C GLU C 80 -1.94 -20.70 -2.75
N GLY C 81 -3.09 -21.02 -2.11
CA GLY C 81 -4.23 -21.53 -2.85
C GLY C 81 -4.77 -20.51 -3.86
N LEU C 82 -4.78 -19.23 -3.44
CA LEU C 82 -5.18 -18.14 -4.34
C LEU C 82 -4.23 -18.08 -5.53
N TRP C 83 -2.93 -18.25 -5.30
CA TRP C 83 -1.98 -18.24 -6.40
C TRP C 83 -2.29 -19.38 -7.39
N GLU C 84 -2.53 -20.58 -6.87
CA GLU C 84 -2.82 -21.75 -7.69
C GLU C 84 -4.08 -21.59 -8.53
N ILE C 85 -5.17 -21.12 -7.93
CA ILE C 85 -6.43 -21.04 -8.66
C ILE C 85 -6.36 -20.04 -9.82
N GLN C 86 -5.54 -18.98 -9.67
CA GLN C 86 -5.41 -17.99 -10.72
C GLN C 86 -4.36 -18.40 -11.77
N ASN C 87 -3.29 -19.09 -11.35
CA ASN C 87 -2.09 -19.21 -12.16
C ASN C 87 -1.75 -20.64 -12.57
N ASN C 88 -2.31 -21.66 -11.90
CA ASN C 88 -1.92 -23.02 -12.24
C ASN C 88 -3.05 -23.97 -11.86
N PRO C 89 -4.30 -23.69 -12.28
CA PRO C 89 -5.46 -24.35 -11.69
C PRO C 89 -5.64 -25.84 -11.97
N HIS C 90 -4.92 -26.35 -13.00
CA HIS C 90 -5.05 -27.75 -13.41
C HIS C 90 -3.73 -28.52 -13.29
N ALA C 91 -2.76 -28.01 -12.52
CA ALA C 91 -1.59 -28.81 -12.17
C ALA C 91 -2.00 -29.94 -11.22
N SER C 92 -1.07 -30.86 -10.96
CA SER C 92 -1.34 -32.15 -10.34
C SER C 92 -1.40 -32.07 -8.81
N TYR C 93 -0.38 -31.46 -8.19
CA TYR C 93 -0.26 -31.34 -6.75
C TYR C 93 -0.42 -32.72 -6.09
S SO4 D . 9.99 -16.55 7.71
O1 SO4 D . 9.65 -15.96 8.99
O2 SO4 D . 10.11 -15.50 6.72
O3 SO4 D . 11.24 -17.25 7.82
O4 SO4 D . 8.96 -17.46 7.31
S SO4 E . 20.77 -14.44 -0.52
O1 SO4 E . 21.30 -13.20 -0.01
O2 SO4 E . 21.06 -14.54 -1.93
O3 SO4 E . 21.37 -15.54 0.18
O4 SO4 E . 19.34 -14.48 -0.34
C1 EDO F . 0.86 1.40 1.17
O1 EDO F . -0.24 2.11 0.63
C2 EDO F . 2.06 2.26 1.33
O2 EDO F . 2.54 2.77 0.10
S SO4 G . 1.56 -15.72 2.94
O1 SO4 G . 1.04 -14.41 2.72
O2 SO4 G . 2.27 -15.74 4.20
O3 SO4 G . 0.47 -16.68 2.98
O4 SO4 G . 2.48 -16.06 1.88
S SO4 H . 12.78 19.62 -0.33
O1 SO4 H . 11.86 20.67 0.09
O2 SO4 H . 13.91 19.53 0.57
O3 SO4 H . 12.11 18.32 -0.33
O4 SO4 H . 13.21 19.94 -1.67
S SO4 I . 5.51 13.78 17.21
O1 SO4 I . 4.41 13.80 16.30
O2 SO4 I . 5.00 13.89 18.56
O3 SO4 I . 6.22 12.54 17.08
O4 SO4 I . 6.42 14.87 16.93
N1 A1A37 J . -4.39 18.79 6.59
C4 A1A37 J . 1.27 18.40 8.44
C5 A1A37 J . 1.16 18.14 7.08
C6 A1A37 J . -1.17 17.34 7.35
C7 A1A37 J . -2.42 17.26 6.48
C8 A1A37 J . -3.61 16.58 7.20
C10 A1A37 J . -3.00 18.62 6.09
C A1A37 J . 4.13 19.65 5.58
C1 A1A37 J . 3.20 19.12 6.62
N2 A1A37 J . 2.11 18.49 6.18
C3 A1A37 J . 2.40 19.05 8.88
C2 A1A37 J . 3.39 19.41 7.98
N A1A37 J . 0.06 17.51 6.58
C9 A1A37 J . -4.52 17.76 7.65
S SO4 K . -20.09 -20.11 9.48
O1 SO4 K . -21.01 -19.06 9.12
O2 SO4 K . -18.76 -19.58 9.54
O3 SO4 K . -20.45 -20.64 10.77
O4 SO4 K . -20.14 -21.17 8.50
N1 A1A37 L . -11.52 -33.15 5.51
C4 A1A37 L . -11.38 -27.25 4.75
C5 A1A37 L . -10.28 -28.11 4.79
C6 A1A37 L . -10.39 -29.82 6.59
C7 A1A37 L . -10.31 -31.33 6.69
C8 A1A37 L . -11.39 -31.94 7.59
C10 A1A37 L . -10.56 -32.04 5.35
C A1A37 L . -7.71 -26.46 2.83
C1 A1A37 L . -8.98 -26.67 3.55
N2 A1A37 L . -9.10 -27.82 4.24
C3 A1A37 L . -11.23 -26.06 4.06
C2 A1A37 L . -10.03 -25.77 3.45
N A1A37 L . -10.44 -29.39 5.21
C9 A1A37 L . -11.67 -33.33 6.96
#